data_9JLV
#
_entry.id   9JLV
#
_cell.length_a   199.970
_cell.length_b   40.570
_cell.length_c   62.620
_cell.angle_alpha   90.00
_cell.angle_beta   102.82
_cell.angle_gamma   90.00
#
_symmetry.space_group_name_H-M   'C 1 2 1'
#
loop_
_entity.id
_entity.type
_entity.pdbx_description
1 polymer 'Glycoside hydrolase family 57 N-terminal domain-containing protein'
2 branched alpha-D-glucopyranose-(1-4)-alpha-D-glucopyranose-(1-4)-alpha-D-glucopyranose-(1-4)-alpha-D-glucopyranose
3 branched Cyclohexakis-(1-4)-(alpha-D-glucopyranose)
4 non-polymer 'CITRATE ANION'
5 non-polymer GLYCEROL
6 water water
#
_entity_poly.entity_id   1
_entity_poly.type   'polypeptide(L)'
_entity_poly.pdbx_seq_one_letter_code
;MKKLFLVFWWHMHQPLYREPYTGEYLLPWTFFHAVKDYYDMPAYLKDFEIKLNFNLTPVLIDQIQEYAQGKAKDVFLEAI
RKDPDDLEKEEVEKLIEFTKLNYEKPIYRFERIRELMNKEKLNREELLDLQTLNLLAWCGRTLRKDLKDLLNKGRNYTQE
EKEYVLNKYFEIIKKTLSIYREIKEEGKGSVSTSPYYHPLIPILLNPNCVYETTPNVKIPDFAVSFREDASKHVELAKEK
YFEIFGEHPVYMWPPQASVSNEALELYYEKGINMLATDEVILKNSVERASPYLRYYFRELISVFFRDKTLSDLIGFSYHA
WNAEDAVRDFIGRLKKIHESVDFQPVVFVVLDGENCWEYYEENGIPFLEKLYSTLEKEEWIETLTLEEAMRKEDVKTEVI
ESVKAGTWFDGNFLKWIGNKEKNEYWKILIEAKKKAKNDYILVAEGSDWFWWQGEEKAPFVEVFDKLFRSFVRRAQE
;
_entity_poly.pdbx_strand_id   A
#
loop_
_chem_comp.id
_chem_comp.type
_chem_comp.name
_chem_comp.formula
FLC non-polymer 'CITRATE ANION' 'C6 H5 O7 -3'
GLC D-saccharide, alpha linking alpha-D-glucopyranose 'C6 H12 O6'
GOL non-polymer GLYCEROL 'C3 H8 O3'
#
# COMPACT_ATOMS: atom_id res chain seq x y z
N MET A 1 29.72 5.04 19.43
CA MET A 1 28.59 5.91 19.70
C MET A 1 27.28 5.13 19.69
N LYS A 2 26.41 5.44 20.66
CA LYS A 2 25.09 4.84 20.74
C LYS A 2 24.19 5.48 19.68
N LYS A 3 23.81 4.70 18.67
CA LYS A 3 22.94 5.18 17.62
C LYS A 3 21.51 4.72 17.84
N LEU A 4 20.60 5.39 17.16
CA LEU A 4 19.24 4.92 16.99
C LEU A 4 19.15 4.34 15.60
N PHE A 5 18.64 3.12 15.48
CA PHE A 5 18.48 2.46 14.19
C PHE A 5 17.05 2.66 13.72
N LEU A 6 16.90 3.32 12.58
CA LEU A 6 15.62 3.71 12.02
C LEU A 6 15.37 2.92 10.75
N VAL A 7 14.21 2.28 10.66
CA VAL A 7 13.90 1.37 9.54
C VAL A 7 12.55 1.79 8.95
N PHE A 8 12.56 2.39 7.75
CA PHE A 8 11.34 2.69 7.04
C PHE A 8 10.96 1.48 6.19
N TRP A 9 9.69 1.09 6.24
CA TRP A 9 9.19 0.01 5.38
C TRP A 9 7.88 0.51 4.77
N TRP A 10 7.94 0.90 3.50
CA TRP A 10 6.82 1.50 2.80
C TRP A 10 6.09 0.42 2.01
N HIS A 11 4.84 0.17 2.35
CA HIS A 11 4.08 -0.96 1.80
C HIS A 11 3.21 -0.53 0.63
N MET A 12 3.43 -1.14 -0.53
CA MET A 12 2.73 -0.81 -1.77
C MET A 12 1.81 -1.96 -2.20
N HIS A 13 0.54 -1.63 -2.48
CA HIS A 13 -0.42 -2.66 -2.83
C HIS A 13 -1.60 -2.08 -3.59
N GLN A 14 -2.12 -2.85 -4.56
CA GLN A 14 -3.46 -2.58 -5.15
C GLN A 14 -4.12 -3.93 -5.39
N PRO A 15 -5.40 -4.09 -5.05
CA PRO A 15 -6.14 -5.29 -5.46
C PRO A 15 -6.30 -5.30 -6.97
N LEU A 16 -6.69 -6.45 -7.51
CA LEU A 16 -6.78 -6.59 -8.97
C LEU A 16 -8.03 -5.86 -9.48
N TYR A 17 -7.81 -4.78 -10.23
CA TYR A 17 -8.91 -4.02 -10.80
C TYR A 17 -9.35 -4.55 -12.15
N ARG A 18 -8.66 -5.57 -12.67
CA ARG A 18 -8.93 -6.10 -14.01
C ARG A 18 -10.07 -7.11 -13.94
N GLU A 19 -11.22 -6.74 -14.49
CA GLU A 19 -12.38 -7.62 -14.49
C GLU A 19 -12.10 -8.81 -15.42
N PRO A 20 -12.35 -10.05 -14.99
CA PRO A 20 -11.84 -11.21 -15.74
C PRO A 20 -12.60 -11.52 -17.02
N TYR A 21 -13.84 -11.05 -17.19
CA TYR A 21 -14.58 -11.38 -18.39
C TYR A 21 -14.37 -10.36 -19.51
N THR A 22 -14.23 -9.09 -19.16
CA THR A 22 -13.98 -8.05 -20.14
C THR A 22 -12.52 -7.67 -20.27
N GLY A 23 -11.69 -8.03 -19.30
CA GLY A 23 -10.30 -7.62 -19.28
C GLY A 23 -10.08 -6.17 -18.93
N GLU A 24 -11.12 -5.45 -18.54
CA GLU A 24 -11.02 -4.02 -18.32
C GLU A 24 -10.66 -3.71 -16.87
N TYR A 25 -9.75 -2.75 -16.71
CA TYR A 25 -9.44 -2.20 -15.39
C TYR A 25 -10.55 -1.24 -15.04
N LEU A 26 -11.35 -1.60 -14.03
CA LEU A 26 -12.58 -0.87 -13.74
C LEU A 26 -12.37 0.35 -12.87
N LEU A 27 -11.23 0.45 -12.19
CA LEU A 27 -10.83 1.67 -11.50
C LEU A 27 -9.41 2.03 -11.90
N PRO A 28 -9.06 3.32 -11.90
CA PRO A 28 -7.72 3.75 -12.32
C PRO A 28 -6.68 3.84 -11.22
N TRP A 29 -6.98 3.31 -10.03
CA TRP A 29 -6.13 3.60 -8.88
C TRP A 29 -4.71 3.05 -9.03
N THR A 30 -4.53 1.91 -9.70
CA THR A 30 -3.17 1.44 -9.90
C THR A 30 -2.40 2.38 -10.81
N PHE A 31 -3.07 2.86 -11.85
CA PHE A 31 -2.41 3.82 -12.73
C PHE A 31 -2.02 5.07 -11.98
N PHE A 32 -2.96 5.63 -11.19
CA PHE A 32 -2.67 6.91 -10.57
C PHE A 32 -1.63 6.77 -9.47
N HIS A 33 -1.65 5.68 -8.71
CA HIS A 33 -0.60 5.54 -7.71
C HIS A 33 0.73 5.13 -8.33
N ALA A 34 0.73 4.50 -9.50
CA ALA A 34 1.99 4.24 -10.19
C ALA A 34 2.64 5.56 -10.63
N VAL A 35 1.86 6.46 -11.25
CA VAL A 35 2.48 7.68 -11.75
C VAL A 35 2.83 8.61 -10.60
N LYS A 36 2.12 8.52 -9.47
CA LYS A 36 2.34 9.47 -8.39
C LYS A 36 3.34 8.95 -7.37
N ASP A 37 3.27 7.67 -7.04
CA ASP A 37 3.97 7.14 -5.86
C ASP A 37 4.91 5.98 -6.15
N TYR A 38 4.56 5.02 -7.00
CA TYR A 38 5.32 3.77 -6.96
C TYR A 38 6.72 3.92 -7.56
N TYR A 39 6.92 4.81 -8.53
CA TYR A 39 8.27 5.13 -8.99
C TYR A 39 8.92 6.14 -8.04
N ASP A 40 8.17 7.14 -7.62
CA ASP A 40 8.77 8.28 -6.95
C ASP A 40 9.21 7.94 -5.53
N MET A 41 8.54 7.03 -4.83
CA MET A 41 8.96 6.73 -3.47
C MET A 41 10.36 6.13 -3.42
N PRO A 42 10.69 5.05 -4.17
CA PRO A 42 12.09 4.63 -4.20
C PRO A 42 13.01 5.64 -4.86
N ALA A 43 12.51 6.49 -5.78
CA ALA A 43 13.39 7.43 -6.47
C ALA A 43 13.95 8.50 -5.54
N TYR A 44 13.35 8.71 -4.36
CA TYR A 44 14.01 9.58 -3.37
C TYR A 44 15.43 9.11 -3.06
N LEU A 45 15.72 7.81 -3.19
CA LEU A 45 17.03 7.31 -2.84
C LEU A 45 18.12 7.79 -3.80
N LYS A 46 17.75 8.31 -4.97
CA LYS A 46 18.73 8.90 -5.84
C LYS A 46 19.30 10.20 -5.28
N ASP A 47 18.55 10.88 -4.40
CA ASP A 47 18.90 12.22 -3.93
C ASP A 47 19.24 12.29 -2.45
N PHE A 48 18.96 11.25 -1.67
CA PHE A 48 19.18 11.27 -0.24
C PHE A 48 19.97 10.03 0.16
N GLU A 49 21.00 10.22 0.97
CA GLU A 49 21.92 9.15 1.35
C GLU A 49 21.43 8.48 2.63
N ILE A 50 20.27 7.84 2.50
CA ILE A 50 19.64 7.07 3.56
C ILE A 50 19.23 5.73 2.98
N LYS A 51 18.75 4.84 3.86
CA LYS A 51 18.19 3.56 3.46
C LYS A 51 16.67 3.63 3.58
N LEU A 52 15.96 3.13 2.57
CA LEU A 52 14.51 3.02 2.66
C LEU A 52 14.09 1.67 2.12
N ASN A 53 13.12 1.02 2.76
CA ASN A 53 12.68 -0.30 2.33
C ASN A 53 11.25 -0.25 1.81
N PHE A 54 10.92 -1.26 0.98
CA PHE A 54 9.64 -1.27 0.28
C PHE A 54 9.06 -2.68 0.26
N ASN A 55 7.73 -2.75 0.36
CA ASN A 55 7.00 -3.97 0.07
C ASN A 55 6.22 -3.76 -1.22
N LEU A 56 6.24 -4.76 -2.10
CA LEU A 56 5.42 -4.76 -3.31
C LEU A 56 4.59 -6.04 -3.31
N THR A 57 3.25 -5.92 -3.35
CA THR A 57 2.52 -7.17 -3.43
C THR A 57 2.59 -7.71 -4.87
N PRO A 58 2.54 -9.04 -5.03
CA PRO A 58 2.61 -9.59 -6.40
C PRO A 58 1.47 -9.15 -7.27
N VAL A 59 0.26 -9.03 -6.72
CA VAL A 59 -0.87 -8.59 -7.54
C VAL A 59 -0.66 -7.15 -8.02
N LEU A 60 -0.03 -6.29 -7.21
CA LEU A 60 0.35 -4.96 -7.70
C LEU A 60 1.39 -5.07 -8.81
N ILE A 61 2.44 -5.89 -8.61
CA ILE A 61 3.46 -6.06 -9.63
C ILE A 61 2.84 -6.48 -10.97
N ASP A 62 1.89 -7.44 -10.95
CA ASP A 62 1.23 -7.87 -12.18
C ASP A 62 0.61 -6.70 -12.91
N GLN A 63 -0.08 -5.82 -12.18
CA GLN A 63 -0.76 -4.70 -12.82
C GLN A 63 0.23 -3.67 -13.36
N ILE A 64 1.28 -3.37 -12.60
CA ILE A 64 2.32 -2.47 -13.10
C ILE A 64 2.89 -3.00 -14.40
N GLN A 65 3.15 -4.31 -14.46
CA GLN A 65 3.63 -4.90 -15.69
C GLN A 65 2.65 -4.69 -16.84
N GLU A 66 1.36 -4.90 -16.60
CA GLU A 66 0.39 -4.77 -17.69
C GLU A 66 0.30 -3.34 -18.19
N TYR A 67 0.29 -2.36 -17.27
CA TYR A 67 0.29 -0.97 -17.71
C TYR A 67 1.57 -0.64 -18.49
N ALA A 68 2.71 -1.14 -18.02
CA ALA A 68 3.98 -0.82 -18.68
C ALA A 68 4.06 -1.41 -20.08
N GLN A 69 3.38 -2.52 -20.33
CA GLN A 69 3.36 -3.13 -21.66
C GLN A 69 2.30 -2.53 -22.55
N GLY A 70 1.53 -1.57 -22.07
CA GLY A 70 0.46 -1.01 -22.88
C GLY A 70 -0.75 -1.91 -23.02
N LYS A 71 -0.87 -2.93 -22.18
CA LYS A 71 -1.92 -3.94 -22.26
C LYS A 71 -3.12 -3.64 -21.38
N ALA A 72 -3.02 -2.68 -20.47
CA ALA A 72 -4.10 -2.42 -19.51
C ALA A 72 -5.19 -1.59 -20.16
N LYS A 73 -6.41 -2.13 -20.20
CA LYS A 73 -7.55 -1.42 -20.75
C LYS A 73 -8.28 -0.73 -19.59
N ASP A 74 -7.89 0.51 -19.32
CA ASP A 74 -8.34 1.25 -18.15
C ASP A 74 -9.49 2.17 -18.58
N VAL A 75 -10.70 1.85 -18.12
CA VAL A 75 -11.91 2.52 -18.61
C VAL A 75 -11.90 4.00 -18.26
N PHE A 76 -11.50 4.34 -17.04
CA PHE A 76 -11.46 5.74 -16.63
C PHE A 76 -10.39 6.50 -17.41
N LEU A 77 -9.24 5.86 -17.62
CA LEU A 77 -8.16 6.52 -18.35
C LEU A 77 -8.53 6.73 -19.80
N GLU A 78 -9.34 5.85 -20.39
CA GLU A 78 -9.77 6.04 -21.77
C GLU A 78 -10.69 7.25 -21.92
N ALA A 79 -11.49 7.54 -20.90
CA ALA A 79 -12.29 8.76 -20.91
C ALA A 79 -11.43 10.00 -20.79
N ILE A 80 -10.33 9.93 -20.04
CA ILE A 80 -9.39 11.06 -19.97
C ILE A 80 -8.74 11.29 -21.31
N ARG A 81 -8.31 10.22 -21.98
CA ARG A 81 -7.56 10.34 -23.22
C ARG A 81 -8.41 10.94 -24.34
N LYS A 82 -9.70 10.56 -24.41
CA LYS A 82 -10.59 10.93 -25.50
C LYS A 82 -10.64 12.44 -25.72
N ASP A 83 -10.87 12.84 -26.97
CA ASP A 83 -11.32 14.20 -27.19
C ASP A 83 -12.65 14.39 -26.47
N PRO A 84 -12.86 15.51 -25.78
CA PRO A 84 -14.11 15.67 -25.03
C PRO A 84 -15.35 15.59 -25.89
N ASP A 85 -15.23 15.91 -27.18
CA ASP A 85 -16.37 15.79 -28.08
C ASP A 85 -16.87 14.36 -28.20
N ASP A 86 -16.03 13.38 -27.85
CA ASP A 86 -16.39 11.98 -27.94
C ASP A 86 -16.80 11.39 -26.60
N LEU A 87 -16.87 12.20 -25.54
CA LEU A 87 -17.23 11.70 -24.23
C LEU A 87 -18.73 11.39 -24.16
N GLU A 88 -19.05 10.19 -23.69
CA GLU A 88 -20.43 9.87 -23.34
C GLU A 88 -20.83 10.62 -22.09
N LYS A 89 -22.13 10.87 -21.95
CA LYS A 89 -22.65 11.46 -20.71
C LYS A 89 -22.18 10.67 -19.48
N GLU A 90 -22.24 9.33 -19.56
CA GLU A 90 -21.77 8.48 -18.47
C GLU A 90 -20.31 8.78 -18.13
N GLU A 91 -19.49 9.01 -19.15
CA GLU A 91 -18.06 9.25 -18.92
C GLU A 91 -17.84 10.63 -18.30
N VAL A 92 -18.59 11.63 -18.75
CA VAL A 92 -18.50 12.94 -18.13
C VAL A 92 -18.92 12.84 -16.66
N GLU A 93 -19.98 12.07 -16.37
CA GLU A 93 -20.43 11.92 -15.00
C GLU A 93 -19.37 11.26 -14.13
N LYS A 94 -18.69 10.24 -14.67
CA LYS A 94 -17.66 9.58 -13.88
C LYS A 94 -16.46 10.50 -13.64
N LEU A 95 -16.14 11.34 -14.61
CA LEU A 95 -15.04 12.29 -14.43
C LEU A 95 -15.37 13.33 -13.37
N ILE A 96 -16.61 13.82 -13.35
CA ILE A 96 -17.02 14.77 -12.33
C ILE A 96 -17.06 14.09 -10.96
N GLU A 97 -17.59 12.87 -10.90
CA GLU A 97 -17.66 12.13 -9.64
C GLU A 97 -16.27 11.88 -9.08
N PHE A 98 -15.32 11.51 -9.94
CA PHE A 98 -13.94 11.30 -9.50
C PHE A 98 -13.32 12.60 -9.00
N THR A 99 -13.58 13.71 -9.68
CA THR A 99 -13.08 15.00 -9.23
C THR A 99 -13.64 15.35 -7.86
N LYS A 100 -14.94 15.17 -7.67
CA LYS A 100 -15.56 15.51 -6.39
C LYS A 100 -15.05 14.64 -5.25
N LEU A 101 -14.75 13.36 -5.53
CA LEU A 101 -14.19 12.50 -4.50
C LEU A 101 -12.85 13.02 -4.01
N ASN A 102 -12.06 13.61 -4.90
CA ASN A 102 -10.70 14.03 -4.61
C ASN A 102 -10.59 15.53 -4.35
N TYR A 103 -11.72 16.25 -4.41
CA TYR A 103 -11.74 17.70 -4.53
C TYR A 103 -11.03 18.41 -3.39
N GLU A 104 -11.13 17.87 -2.17
CA GLU A 104 -10.57 18.55 -1.01
C GLU A 104 -9.12 18.19 -0.73
N LYS A 105 -8.54 17.26 -1.48
CA LYS A 105 -7.16 16.88 -1.26
C LYS A 105 -6.23 17.97 -1.80
N PRO A 106 -5.13 18.28 -1.11
CA PRO A 106 -4.25 19.36 -1.59
C PRO A 106 -3.67 19.11 -2.98
N ILE A 107 -3.55 17.86 -3.43
CA ILE A 107 -3.05 17.65 -4.78
C ILE A 107 -4.05 18.08 -5.84
N TYR A 108 -5.30 18.35 -5.47
CA TYR A 108 -6.30 18.89 -6.38
C TYR A 108 -6.49 20.40 -6.24
N ARG A 109 -5.54 21.09 -5.60
CA ARG A 109 -5.66 22.53 -5.34
C ARG A 109 -5.26 23.31 -6.58
N PHE A 110 -6.19 23.34 -7.54
CA PHE A 110 -6.11 24.16 -8.74
C PHE A 110 -7.34 25.03 -8.77
N GLU A 111 -7.16 26.34 -8.92
CA GLU A 111 -8.31 27.23 -8.99
C GLU A 111 -9.25 26.84 -10.13
N ARG A 112 -8.72 26.30 -11.24
CA ARG A 112 -9.57 25.92 -12.36
C ARG A 112 -10.49 24.75 -12.02
N ILE A 113 -10.06 23.85 -11.14
CA ILE A 113 -10.94 22.77 -10.72
C ILE A 113 -12.15 23.33 -9.97
N ARG A 114 -11.92 24.33 -9.11
CA ARG A 114 -13.04 24.93 -8.39
C ARG A 114 -14.02 25.61 -9.34
N GLU A 115 -13.48 26.26 -10.39
CA GLU A 115 -14.34 26.86 -11.40
C GLU A 115 -15.16 25.80 -12.13
N LEU A 116 -14.51 24.72 -12.54
CA LEU A 116 -15.20 23.71 -13.34
C LEU A 116 -16.30 23.03 -12.54
N MET A 117 -16.07 22.80 -11.24
CA MET A 117 -17.07 22.12 -10.44
C MET A 117 -18.24 23.01 -10.05
N ASN A 118 -18.12 24.33 -10.24
CA ASN A 118 -19.21 25.26 -10.00
C ASN A 118 -20.00 25.60 -11.25
N LYS A 119 -19.78 24.89 -12.34
CA LYS A 119 -20.42 25.19 -13.62
C LYS A 119 -21.55 24.21 -13.90
N GLU A 120 -22.68 24.76 -14.34
CA GLU A 120 -23.85 23.96 -14.68
C GLU A 120 -23.55 22.99 -15.81
N LYS A 121 -22.93 23.47 -16.89
CA LYS A 121 -22.60 22.67 -18.05
C LYS A 121 -21.16 22.97 -18.44
N LEU A 122 -20.50 21.98 -19.04
CA LEU A 122 -19.10 22.09 -19.42
C LEU A 122 -18.96 21.95 -20.93
N ASN A 123 -18.22 22.86 -21.55
CA ASN A 123 -17.97 22.79 -22.98
C ASN A 123 -16.69 22.00 -23.24
N ARG A 124 -16.25 21.97 -24.51
CA ARG A 124 -15.13 21.11 -24.88
C ARG A 124 -13.85 21.55 -24.19
N GLU A 125 -13.59 22.86 -24.19
CA GLU A 125 -12.38 23.38 -23.56
C GLU A 125 -12.38 23.14 -22.07
N GLU A 126 -13.54 23.27 -21.44
CA GLU A 126 -13.65 23.05 -20.00
C GLU A 126 -13.46 21.57 -19.67
N LEU A 127 -14.02 20.68 -20.49
CA LEU A 127 -13.83 19.25 -20.25
C LEU A 127 -12.37 18.85 -20.49
N LEU A 128 -11.71 19.49 -21.46
CA LEU A 128 -10.29 19.23 -21.67
C LEU A 128 -9.49 19.62 -20.44
N ASP A 129 -9.82 20.75 -19.82
CA ASP A 129 -9.17 21.13 -18.58
C ASP A 129 -9.48 20.13 -17.47
N LEU A 130 -10.73 19.66 -17.40
CA LEU A 130 -11.10 18.70 -16.38
C LEU A 130 -10.30 17.40 -16.53
N GLN A 131 -10.21 16.89 -17.76
CA GLN A 131 -9.41 15.70 -18.00
C GLN A 131 -7.95 15.92 -17.62
N THR A 132 -7.37 17.01 -18.13
CA THR A 132 -5.93 17.22 -17.97
C THR A 132 -5.57 17.53 -16.52
N LEU A 133 -6.41 18.30 -15.83
CA LEU A 133 -6.10 18.60 -14.44
C LEU A 133 -6.25 17.37 -13.55
N ASN A 134 -7.15 16.47 -13.89
CA ASN A 134 -7.20 15.21 -13.15
C ASN A 134 -5.90 14.42 -13.34
N LEU A 135 -5.36 14.38 -14.57
CA LEU A 135 -4.06 13.74 -14.76
C LEU A 135 -2.99 14.44 -13.93
N LEU A 136 -2.93 15.77 -14.04
CA LEU A 136 -1.83 16.52 -13.43
C LEU A 136 -1.90 16.47 -11.91
N ALA A 137 -3.10 16.34 -11.33
CA ALA A 137 -3.20 16.25 -9.87
C ALA A 137 -2.43 15.06 -9.31
N TRP A 138 -2.26 13.99 -10.10
CA TRP A 138 -1.54 12.81 -9.65
C TRP A 138 -0.07 12.82 -10.10
N CYS A 139 0.45 13.99 -10.49
CA CYS A 139 1.85 14.07 -10.90
C CYS A 139 2.78 13.76 -9.74
N GLY A 140 3.75 12.88 -9.99
CA GLY A 140 4.75 12.56 -8.99
C GLY A 140 5.88 13.55 -8.94
N ARG A 141 6.74 13.37 -7.94
CA ARG A 141 7.84 14.31 -7.68
C ARG A 141 8.73 14.48 -8.91
N THR A 142 9.07 13.38 -9.59
CA THR A 142 10.00 13.49 -10.72
C THR A 142 9.41 14.36 -11.81
N LEU A 143 8.18 14.08 -12.21
CA LEU A 143 7.62 14.81 -13.33
C LEU A 143 7.10 16.18 -12.93
N ARG A 144 6.96 16.46 -11.63
CA ARG A 144 6.61 17.82 -11.23
C ARG A 144 7.70 18.81 -11.64
N LYS A 145 8.91 18.32 -11.91
CA LYS A 145 9.94 19.16 -12.51
C LYS A 145 9.80 19.24 -14.03
N ASP A 146 9.75 18.08 -14.71
CA ASP A 146 9.57 18.06 -16.16
C ASP A 146 8.32 18.82 -16.60
N LEU A 147 7.21 18.64 -15.89
CA LEU A 147 5.92 19.20 -16.28
C LEU A 147 5.59 20.47 -15.49
N LYS A 148 6.59 21.13 -14.89
CA LYS A 148 6.35 22.27 -14.01
C LYS A 148 5.58 23.38 -14.70
N ASP A 149 5.83 23.60 -16.00
CA ASP A 149 5.18 24.70 -16.72
C ASP A 149 3.72 24.39 -17.02
N LEU A 150 3.43 23.14 -17.40
CA LEU A 150 2.04 22.74 -17.58
C LEU A 150 1.28 22.82 -16.27
N LEU A 151 1.92 22.43 -15.16
CA LEU A 151 1.26 22.50 -13.87
C LEU A 151 0.93 23.93 -13.50
N ASN A 152 1.85 24.86 -13.77
CA ASN A 152 1.62 26.26 -13.46
C ASN A 152 0.59 26.89 -14.39
N LYS A 153 0.49 26.40 -15.64
CA LYS A 153 -0.46 26.96 -16.59
C LYS A 153 -1.87 26.97 -16.00
N GLY A 154 -2.29 25.82 -15.48
CA GLY A 154 -3.48 25.72 -14.65
C GLY A 154 -4.79 25.64 -15.39
N ARG A 155 -4.80 25.92 -16.70
CA ARG A 155 -6.04 25.99 -17.45
C ARG A 155 -5.70 26.09 -18.93
N ASN A 156 -6.75 25.98 -19.77
CA ASN A 156 -6.65 26.10 -21.22
C ASN A 156 -5.65 25.10 -21.81
N TYR A 157 -5.81 23.84 -21.43
CA TYR A 157 -4.96 22.77 -21.92
C TYR A 157 -5.45 22.29 -23.27
N THR A 158 -4.51 21.79 -24.08
CA THR A 158 -4.84 21.23 -25.39
C THR A 158 -4.80 19.72 -25.34
N GLN A 159 -5.40 19.09 -26.36
CA GLN A 159 -5.34 17.64 -26.47
C GLN A 159 -3.89 17.17 -26.57
N GLU A 160 -3.04 17.93 -27.28
CA GLU A 160 -1.63 17.54 -27.42
C GLU A 160 -0.89 17.62 -26.10
N GLU A 161 -1.16 18.66 -25.29
CA GLU A 161 -0.53 18.72 -23.96
C GLU A 161 -0.98 17.56 -23.08
N LYS A 162 -2.28 17.24 -23.09
CA LYS A 162 -2.79 16.09 -22.34
C LYS A 162 -2.09 14.80 -22.78
N GLU A 163 -1.93 14.62 -24.09
CA GLU A 163 -1.25 13.43 -24.60
C GLU A 163 0.22 13.41 -24.19
N TYR A 164 0.87 14.57 -24.16
CA TYR A 164 2.26 14.63 -23.69
C TYR A 164 2.35 14.15 -22.25
N VAL A 165 1.45 14.61 -21.40
CA VAL A 165 1.44 14.16 -20.00
C VAL A 165 1.24 12.65 -19.93
N LEU A 166 0.26 12.13 -20.69
CA LEU A 166 0.04 10.69 -20.69
C LEU A 166 1.29 9.93 -21.08
N ASN A 167 2.00 10.40 -22.11
N ASN A 167 2.01 10.40 -22.10
CA ASN A 167 3.20 9.71 -22.57
CA ASN A 167 3.20 9.68 -22.55
C ASN A 167 4.29 9.70 -21.50
C ASN A 167 4.27 9.69 -21.48
N LYS A 168 4.52 10.84 -20.85
CA LYS A 168 5.49 10.90 -19.75
C LYS A 168 5.08 10.00 -18.59
N TYR A 169 3.78 9.96 -18.29
CA TYR A 169 3.29 9.09 -17.22
C TYR A 169 3.58 7.63 -17.52
N PHE A 170 3.35 7.19 -18.76
CA PHE A 170 3.62 5.80 -19.07
C PHE A 170 5.12 5.52 -19.07
N GLU A 171 5.95 6.53 -19.41
CA GLU A 171 7.39 6.35 -19.30
C GLU A 171 7.80 6.07 -17.86
N ILE A 172 7.17 6.77 -16.90
CA ILE A 172 7.46 6.53 -15.48
C ILE A 172 7.06 5.11 -15.09
N ILE A 173 5.90 4.65 -15.55
CA ILE A 173 5.44 3.30 -15.21
C ILE A 173 6.42 2.27 -15.76
N LYS A 174 6.92 2.49 -16.98
CA LYS A 174 7.83 1.53 -17.61
C LYS A 174 9.16 1.41 -16.87
N LYS A 175 9.53 2.41 -16.08
CA LYS A 175 10.79 2.36 -15.33
C LYS A 175 10.58 2.00 -13.88
N THR A 176 9.37 1.62 -13.48
CA THR A 176 9.07 1.50 -12.05
C THR A 176 9.69 0.24 -11.44
N LEU A 177 9.45 -0.94 -12.02
CA LEU A 177 10.05 -2.12 -11.42
C LEU A 177 11.57 -2.06 -11.48
N SER A 178 12.13 -1.41 -12.52
CA SER A 178 13.57 -1.28 -12.63
C SER A 178 14.16 -0.47 -11.49
N ILE A 179 13.45 0.56 -11.01
CA ILE A 179 14.07 1.34 -9.94
C ILE A 179 14.06 0.57 -8.63
N TYR A 180 13.06 -0.28 -8.39
CA TYR A 180 13.13 -1.13 -7.20
C TYR A 180 14.31 -2.10 -7.29
N ARG A 181 14.52 -2.68 -8.47
CA ARG A 181 15.66 -3.57 -8.62
C ARG A 181 16.96 -2.82 -8.42
N GLU A 182 17.02 -1.59 -8.92
CA GLU A 182 18.23 -0.77 -8.83
C GLU A 182 18.57 -0.42 -7.39
N ILE A 183 17.60 0.07 -6.62
CA ILE A 183 17.95 0.45 -5.24
C ILE A 183 18.26 -0.80 -4.41
N LYS A 184 17.69 -1.95 -4.76
CA LYS A 184 18.02 -3.19 -4.05
C LYS A 184 19.44 -3.63 -4.38
N GLU A 185 19.79 -3.65 -5.66
CA GLU A 185 21.13 -4.09 -6.06
C GLU A 185 22.21 -3.16 -5.52
N GLU A 186 21.88 -1.88 -5.32
CA GLU A 186 22.82 -0.90 -4.80
C GLU A 186 22.87 -0.86 -3.27
N GLY A 187 22.08 -1.70 -2.60
CA GLY A 187 22.07 -1.73 -1.15
C GLY A 187 21.44 -0.52 -0.51
N LYS A 188 20.70 0.28 -1.28
CA LYS A 188 20.04 1.45 -0.71
C LYS A 188 18.73 1.10 -0.04
N GLY A 189 18.20 -0.09 -0.27
CA GLY A 189 17.02 -0.55 0.42
C GLY A 189 16.80 -2.02 0.15
N SER A 190 16.01 -2.64 1.01
CA SER A 190 15.53 -4.00 0.80
C SER A 190 14.13 -3.94 0.24
N VAL A 191 13.77 -4.95 -0.55
CA VAL A 191 12.42 -5.09 -1.08
C VAL A 191 11.84 -6.40 -0.58
N SER A 192 10.63 -6.34 -0.06
CA SER A 192 9.89 -7.51 0.39
C SER A 192 8.68 -7.74 -0.50
N THR A 193 7.98 -8.84 -0.26
CA THR A 193 6.65 -9.02 -0.86
C THR A 193 5.71 -9.56 0.21
N SER A 194 4.47 -9.81 -0.18
CA SER A 194 3.42 -10.36 0.65
C SER A 194 2.83 -11.57 -0.06
N PRO A 195 2.12 -12.43 0.67
CA PRO A 195 1.28 -13.44 0.01
C PRO A 195 0.46 -12.80 -1.10
N TYR A 196 0.29 -13.56 -2.19
CA TYR A 196 0.12 -13.01 -3.54
C TYR A 196 -0.98 -11.96 -3.65
N TYR A 197 -2.22 -12.29 -3.25
CA TYR A 197 -3.31 -11.35 -3.37
C TYR A 197 -3.62 -10.63 -2.07
N HIS A 198 -2.65 -10.53 -1.16
CA HIS A 198 -2.82 -9.75 0.07
C HIS A 198 -4.00 -10.25 0.89
N PRO A 199 -4.09 -11.56 1.15
CA PRO A 199 -5.16 -12.09 2.01
C PRO A 199 -4.82 -11.96 3.48
N LEU A 200 -5.83 -12.23 4.32
CA LEU A 200 -5.65 -12.39 5.77
C LEU A 200 -5.27 -13.83 6.06
N ILE A 201 -3.98 -14.11 6.01
CA ILE A 201 -3.42 -15.46 6.20
C ILE A 201 -3.92 -16.11 7.49
N PRO A 202 -3.93 -15.41 8.64
CA PRO A 202 -4.40 -16.08 9.85
C PRO A 202 -5.81 -16.65 9.73
N ILE A 203 -6.74 -15.93 9.08
CA ILE A 203 -8.10 -16.45 8.93
C ILE A 203 -8.11 -17.64 7.98
N LEU A 204 -7.36 -17.58 6.87
CA LEU A 204 -7.34 -18.71 5.95
C LEU A 204 -6.80 -19.96 6.64
N LEU A 205 -5.83 -19.81 7.53
CA LEU A 205 -5.27 -20.96 8.23
C LEU A 205 -6.22 -21.48 9.30
N ASN A 206 -6.90 -20.59 10.02
CA ASN A 206 -7.75 -20.98 11.13
C ASN A 206 -8.69 -19.84 11.47
N PRO A 207 -9.91 -19.86 10.93
CA PRO A 207 -10.84 -18.75 11.21
C PRO A 207 -11.09 -18.50 12.69
N ASN A 208 -10.85 -19.48 13.56
CA ASN A 208 -11.09 -19.29 14.99
C ASN A 208 -10.09 -18.33 15.62
N CYS A 209 -9.05 -17.92 14.90
CA CYS A 209 -8.13 -16.93 15.43
C CYS A 209 -8.82 -15.61 15.73
N VAL A 210 -9.97 -15.33 15.10
CA VAL A 210 -10.64 -14.07 15.36
C VAL A 210 -11.12 -13.99 16.80
N TYR A 211 -11.32 -15.13 17.46
CA TYR A 211 -11.82 -15.11 18.82
C TYR A 211 -10.74 -14.74 19.83
N GLU A 212 -9.48 -14.68 19.41
CA GLU A 212 -8.39 -14.47 20.36
C GLU A 212 -8.44 -13.06 20.96
N THR A 213 -8.83 -12.05 20.16
CA THR A 213 -8.99 -10.71 20.72
C THR A 213 -10.41 -10.15 20.62
N THR A 214 -11.32 -10.78 19.87
CA THR A 214 -12.74 -10.41 19.87
C THR A 214 -13.55 -11.68 20.13
N PRO A 215 -13.58 -12.15 21.37
CA PRO A 215 -14.25 -13.43 21.65
C PRO A 215 -15.74 -13.43 21.39
N ASN A 216 -16.39 -12.26 21.32
CA ASN A 216 -17.83 -12.17 21.13
C ASN A 216 -18.24 -11.97 19.68
N VAL A 217 -17.28 -12.01 18.74
CA VAL A 217 -17.61 -11.78 17.34
C VAL A 217 -18.42 -12.95 16.79
N LYS A 218 -19.34 -12.64 15.88
CA LYS A 218 -20.13 -13.64 15.18
C LYS A 218 -19.58 -13.75 13.76
N ILE A 219 -19.30 -14.97 13.33
CA ILE A 219 -18.76 -15.21 11.99
C ILE A 219 -19.51 -16.37 11.36
N PRO A 220 -19.44 -16.51 10.03
CA PRO A 220 -20.17 -17.61 9.38
C PRO A 220 -19.51 -18.95 9.61
N ASP A 221 -20.17 -20.01 9.16
CA ASP A 221 -19.67 -21.37 9.28
C ASP A 221 -18.62 -21.60 8.20
N PHE A 222 -17.34 -21.67 8.60
CA PHE A 222 -16.27 -21.95 7.65
C PHE A 222 -16.22 -23.46 7.41
N ALA A 223 -17.12 -23.93 6.54
CA ALA A 223 -17.32 -25.36 6.29
C ALA A 223 -16.44 -25.88 5.15
N VAL A 224 -15.32 -25.23 4.91
CA VAL A 224 -14.34 -25.64 3.90
C VAL A 224 -12.99 -25.16 4.39
N SER A 225 -11.93 -25.87 4.00
CA SER A 225 -10.58 -25.48 4.40
C SER A 225 -9.95 -24.51 3.42
N PHE A 226 -9.35 -23.44 3.95
CA PHE A 226 -8.54 -22.51 3.18
C PHE A 226 -7.04 -22.67 3.45
N ARG A 227 -6.64 -23.76 4.11
CA ARG A 227 -5.26 -23.84 4.56
C ARG A 227 -4.29 -24.00 3.38
N GLU A 228 -4.64 -24.85 2.41
CA GLU A 228 -3.78 -24.97 1.23
C GLU A 228 -3.71 -23.65 0.47
N ASP A 229 -4.83 -22.92 0.41
CA ASP A 229 -4.79 -21.63 -0.29
C ASP A 229 -3.82 -20.68 0.39
N ALA A 230 -3.79 -20.69 1.73
CA ALA A 230 -2.82 -19.83 2.43
C ALA A 230 -1.39 -20.15 1.99
N SER A 231 -1.06 -21.44 1.93
CA SER A 231 0.25 -21.84 1.44
C SER A 231 0.48 -21.37 0.01
N LYS A 232 -0.54 -21.50 -0.85
CA LYS A 232 -0.39 -21.11 -2.25
C LYS A 232 -0.11 -19.61 -2.40
N HIS A 233 -0.78 -18.77 -1.60
CA HIS A 233 -0.49 -17.34 -1.68
C HIS A 233 0.98 -17.06 -1.42
N VAL A 234 1.57 -17.74 -0.42
CA VAL A 234 2.96 -17.50 -0.09
C VAL A 234 3.86 -18.05 -1.18
N GLU A 235 3.57 -19.27 -1.65
CA GLU A 235 4.44 -19.91 -2.64
C GLU A 235 4.42 -19.14 -3.96
N LEU A 236 3.24 -18.74 -4.42
CA LEU A 236 3.16 -17.99 -5.66
C LEU A 236 3.90 -16.66 -5.55
N ALA A 237 3.81 -16.02 -4.38
CA ALA A 237 4.52 -14.76 -4.16
C ALA A 237 6.03 -14.94 -4.23
N LYS A 238 6.55 -16.04 -3.67
CA LYS A 238 7.98 -16.34 -3.79
C LYS A 238 8.40 -16.46 -5.25
N GLU A 239 7.56 -17.11 -6.07
CA GLU A 239 7.87 -17.25 -7.49
C GLU A 239 7.90 -15.90 -8.19
N LYS A 240 6.92 -15.05 -7.92
CA LYS A 240 6.87 -13.75 -8.59
C LYS A 240 8.03 -12.87 -8.14
N TYR A 241 8.32 -12.87 -6.84
CA TYR A 241 9.46 -12.14 -6.34
C TYR A 241 10.76 -12.63 -6.98
N PHE A 242 10.91 -13.94 -7.16
CA PHE A 242 12.11 -14.46 -7.79
C PHE A 242 12.23 -13.94 -9.22
N GLU A 243 11.12 -13.88 -9.95
CA GLU A 243 11.17 -13.38 -11.32
C GLU A 243 11.70 -11.95 -11.36
N ILE A 244 11.19 -11.10 -10.48
CA ILE A 244 11.51 -9.68 -10.54
C ILE A 244 12.89 -9.38 -9.95
N PHE A 245 13.22 -10.02 -8.82
CA PHE A 245 14.40 -9.63 -8.05
C PHE A 245 15.48 -10.69 -7.97
N GLY A 246 15.22 -11.91 -8.43
CA GLY A 246 16.30 -12.87 -8.58
C GLY A 246 16.70 -13.62 -7.33
N GLU A 247 15.86 -13.63 -6.31
CA GLU A 247 16.09 -14.43 -5.12
C GLU A 247 14.73 -14.83 -4.56
N HIS A 248 14.71 -15.86 -3.73
CA HIS A 248 13.52 -16.10 -2.94
C HIS A 248 13.48 -15.05 -1.82
N PRO A 249 12.30 -14.47 -1.55
CA PRO A 249 12.23 -13.41 -0.54
C PRO A 249 12.43 -13.99 0.85
N VAL A 250 13.35 -13.39 1.61
CA VAL A 250 13.52 -13.79 3.01
C VAL A 250 12.79 -12.85 3.95
N TYR A 251 12.26 -11.74 3.45
CA TYR A 251 11.40 -10.83 4.21
C TYR A 251 10.04 -10.76 3.57
N MET A 252 8.99 -10.82 4.40
CA MET A 252 7.65 -10.56 3.89
C MET A 252 6.93 -9.60 4.81
N TRP A 253 6.07 -8.79 4.22
CA TRP A 253 5.14 -7.98 4.98
C TRP A 253 3.80 -8.73 5.08
N PRO A 254 3.36 -9.11 6.27
CA PRO A 254 2.05 -9.77 6.36
C PRO A 254 0.95 -8.76 6.13
N PRO A 255 0.01 -9.03 5.22
CA PRO A 255 -1.04 -8.04 4.92
C PRO A 255 -1.76 -7.62 6.19
N GLN A 256 -1.98 -6.31 6.33
CA GLN A 256 -2.64 -5.72 7.49
C GLN A 256 -1.88 -6.00 8.76
N ALA A 257 -0.58 -6.22 8.62
CA ALA A 257 0.27 -6.60 9.73
C ALA A 257 -0.21 -7.87 10.41
N SER A 258 -0.99 -8.68 9.70
CA SER A 258 -1.75 -9.72 10.40
C SER A 258 -0.88 -10.93 10.72
N VAL A 259 -0.85 -11.30 12.00
CA VAL A 259 -0.12 -12.49 12.42
C VAL A 259 -0.97 -13.31 13.38
N SER A 260 -0.57 -14.57 13.51
CA SER A 260 -1.09 -15.54 14.46
C SER A 260 0.03 -16.55 14.63
N ASN A 261 -0.09 -17.40 15.65
CA ASN A 261 0.91 -18.43 15.80
C ASN A 261 1.00 -19.28 14.55
N GLU A 262 -0.16 -19.65 13.97
CA GLU A 262 -0.14 -20.52 12.80
C GLU A 262 0.41 -19.79 11.58
N ALA A 263 0.12 -18.50 11.45
CA ALA A 263 0.66 -17.75 10.31
C ALA A 263 2.18 -17.61 10.39
N LEU A 264 2.70 -17.32 11.59
CA LEU A 264 4.15 -17.26 11.77
C LEU A 264 4.80 -18.59 11.43
N GLU A 265 4.15 -19.69 11.79
CA GLU A 265 4.66 -21.01 11.44
C GLU A 265 4.69 -21.22 9.93
N LEU A 266 3.66 -20.75 9.23
CA LEU A 266 3.63 -20.90 7.78
C LEU A 266 4.74 -20.09 7.11
N TYR A 267 4.90 -18.82 7.52
CA TYR A 267 5.96 -18.00 6.95
C TYR A 267 7.32 -18.66 7.18
N TYR A 268 7.56 -19.13 8.39
CA TYR A 268 8.85 -19.79 8.64
C TYR A 268 9.01 -21.04 7.77
N GLU A 269 7.97 -21.87 7.67
CA GLU A 269 8.07 -23.09 6.86
C GLU A 269 8.38 -22.77 5.41
N LYS A 270 7.94 -21.60 4.93
CA LYS A 270 8.16 -21.20 3.55
C LYS A 270 9.46 -20.42 3.36
N GLY A 271 10.31 -20.35 4.38
CA GLY A 271 11.61 -19.76 4.20
C GLY A 271 11.73 -18.29 4.52
N ILE A 272 10.71 -17.69 5.11
CA ILE A 272 10.77 -16.28 5.51
C ILE A 272 11.57 -16.18 6.80
N ASN A 273 12.59 -15.34 6.80
CA ASN A 273 13.44 -15.20 7.98
C ASN A 273 13.01 -14.06 8.88
N MET A 274 12.30 -13.08 8.35
CA MET A 274 11.91 -11.92 9.14
C MET A 274 10.63 -11.35 8.59
N LEU A 275 9.76 -10.91 9.49
CA LEU A 275 8.63 -10.09 9.13
C LEU A 275 8.47 -9.01 10.19
N ALA A 276 7.58 -8.05 9.91
CA ALA A 276 7.18 -7.08 10.92
C ALA A 276 5.68 -7.15 11.14
N THR A 277 5.25 -6.65 12.29
CA THR A 277 3.82 -6.58 12.58
C THR A 277 3.60 -5.35 13.47
N ASP A 278 2.47 -5.30 14.14
CA ASP A 278 2.03 -4.08 14.81
C ASP A 278 2.25 -4.10 16.32
N GLU A 279 2.42 -2.90 16.87
CA GLU A 279 2.70 -2.75 18.30
C GLU A 279 1.52 -3.18 19.17
N VAL A 280 0.28 -3.00 18.71
CA VAL A 280 -0.86 -3.45 19.51
C VAL A 280 -0.80 -4.95 19.71
N ILE A 281 -0.38 -5.69 18.68
CA ILE A 281 -0.24 -7.14 18.82
C ILE A 281 0.82 -7.47 19.86
N LEU A 282 1.94 -6.74 19.85
CA LEU A 282 2.96 -6.95 20.88
C LEU A 282 2.40 -6.75 22.27
N LYS A 283 1.70 -5.63 22.51
CA LYS A 283 1.17 -5.35 23.84
C LYS A 283 0.10 -6.35 24.25
N ASN A 284 -0.66 -6.87 23.28
CA ASN A 284 -1.66 -7.89 23.58
C ASN A 284 -1.04 -9.22 23.94
N SER A 285 0.22 -9.44 23.58
CA SER A 285 0.86 -10.75 23.64
C SER A 285 1.87 -10.88 24.76
N VAL A 286 2.58 -9.81 25.12
CA VAL A 286 3.63 -9.92 26.13
C VAL A 286 3.50 -8.81 27.16
N GLU A 287 4.07 -9.05 28.34
CA GLU A 287 4.02 -8.04 29.40
C GLU A 287 5.09 -6.98 29.21
N ARG A 288 6.34 -7.39 29.03
CA ARG A 288 7.45 -6.43 28.87
C ARG A 288 7.58 -6.16 27.37
N ALA A 289 6.84 -5.17 26.90
CA ALA A 289 6.55 -5.03 25.48
C ALA A 289 7.28 -3.84 24.89
N SER A 290 8.62 -3.92 24.82
CA SER A 290 9.38 -2.89 24.12
C SER A 290 9.40 -3.18 22.62
N PRO A 291 9.03 -2.22 21.77
CA PRO A 291 9.12 -2.44 20.32
C PRO A 291 10.50 -2.22 19.75
N TYR A 292 11.52 -2.00 20.58
CA TYR A 292 12.83 -1.61 20.09
C TYR A 292 13.80 -2.79 19.99
N LEU A 293 13.32 -4.00 20.21
CA LEU A 293 14.10 -5.23 20.19
C LEU A 293 13.81 -6.00 18.91
N ARG A 294 14.78 -6.82 18.50
CA ARG A 294 14.51 -7.87 17.51
C ARG A 294 14.01 -9.10 18.25
N TYR A 295 12.78 -9.52 17.95
CA TYR A 295 12.21 -10.68 18.59
C TYR A 295 12.41 -11.92 17.74
N TYR A 296 12.51 -13.06 18.41
CA TYR A 296 12.57 -14.37 17.74
C TYR A 296 11.37 -15.17 18.20
N PHE A 297 10.42 -15.41 17.28
CA PHE A 297 9.28 -16.27 17.56
C PHE A 297 9.77 -17.71 17.64
N ARG A 298 9.78 -18.26 18.86
CA ARG A 298 10.16 -19.66 19.12
C ARG A 298 11.55 -20.00 18.61
N GLU A 299 12.42 -18.98 18.56
CA GLU A 299 13.79 -19.09 18.08
C GLU A 299 13.87 -19.49 16.62
N LEU A 300 12.79 -19.25 15.85
CA LEU A 300 12.69 -19.74 14.48
C LEU A 300 12.60 -18.64 13.43
N ILE A 301 11.87 -17.55 13.69
CA ILE A 301 11.70 -16.49 12.71
C ILE A 301 11.80 -15.16 13.45
N SER A 302 12.50 -14.20 12.85
CA SER A 302 12.63 -12.87 13.45
C SER A 302 11.39 -12.03 13.19
N VAL A 303 10.99 -11.27 14.22
CA VAL A 303 9.80 -10.43 14.17
C VAL A 303 10.16 -9.07 14.74
N PHE A 304 9.88 -8.01 13.99
CA PHE A 304 9.93 -6.67 14.53
C PHE A 304 8.53 -6.12 14.66
N PHE A 305 8.30 -5.34 15.70
CA PHE A 305 7.03 -4.69 15.91
C PHE A 305 7.21 -3.21 15.64
N ARG A 306 6.41 -2.67 14.72
CA ARG A 306 6.58 -1.27 14.35
C ARG A 306 6.27 -0.35 15.53
N ASP A 307 6.93 0.80 15.53
CA ASP A 307 6.55 1.89 16.40
C ASP A 307 5.26 2.49 15.84
N LYS A 308 4.14 2.20 16.51
CA LYS A 308 2.86 2.62 15.96
C LYS A 308 2.73 4.14 15.94
N THR A 309 3.20 4.81 16.98
CA THR A 309 3.07 6.27 17.06
C THR A 309 3.77 6.96 15.89
N LEU A 310 5.04 6.59 15.65
CA LEU A 310 5.78 7.19 14.55
C LEU A 310 5.12 6.87 13.21
N SER A 311 4.67 5.63 13.04
CA SER A 311 4.03 5.23 11.79
C SER A 311 2.75 6.02 11.56
N ASP A 312 1.96 6.22 12.63
CA ASP A 312 0.69 6.92 12.48
C ASP A 312 0.83 8.43 12.46
N LEU A 313 1.95 8.99 12.94
CA LEU A 313 2.18 10.42 12.72
C LEU A 313 2.22 10.74 11.24
N ILE A 314 2.96 9.93 10.47
CA ILE A 314 3.05 10.14 9.03
C ILE A 314 1.72 9.83 8.37
N GLY A 315 1.09 8.74 8.79
CA GLY A 315 -0.12 8.29 8.13
C GLY A 315 -1.34 9.13 8.43
N PHE A 316 -1.41 9.71 9.64
CA PHE A 316 -2.66 10.34 10.07
C PHE A 316 -2.54 11.80 10.49
N SER A 317 -1.38 12.22 11.02
N SER A 317 -1.39 12.22 11.02
CA SER A 317 -1.27 13.55 11.60
CA SER A 317 -1.25 13.54 11.61
C SER A 317 -0.65 14.58 10.66
C SER A 317 -0.67 14.57 10.63
N TYR A 318 0.52 14.28 10.10
CA TYR A 318 1.33 15.33 9.50
C TYR A 318 0.76 15.93 8.21
N HIS A 319 -0.22 15.29 7.57
CA HIS A 319 -0.80 15.90 6.37
C HIS A 319 -1.36 17.29 6.66
N ALA A 320 -1.81 17.53 7.90
CA ALA A 320 -2.41 18.79 8.30
C ALA A 320 -1.41 19.78 8.87
N TRP A 321 -0.14 19.42 8.95
CA TRP A 321 0.92 20.27 9.48
C TRP A 321 1.72 20.86 8.34
N ASN A 322 2.46 21.92 8.64
CA ASN A 322 3.45 22.33 7.66
C ASN A 322 4.71 21.47 7.81
N ALA A 323 5.51 21.43 6.76
CA ALA A 323 6.56 20.41 6.68
C ALA A 323 7.59 20.59 7.78
N GLU A 324 7.96 21.84 8.10
CA GLU A 324 8.97 22.06 9.13
C GLU A 324 8.46 21.67 10.52
N ASP A 325 7.21 22.03 10.85
CA ASP A 325 6.63 21.60 12.12
C ASP A 325 6.68 20.08 12.24
N ALA A 326 6.29 19.38 11.17
CA ALA A 326 6.20 17.91 11.21
C ALA A 326 7.56 17.26 11.37
N VAL A 327 8.55 17.70 10.58
CA VAL A 327 9.87 17.09 10.65
C VAL A 327 10.50 17.36 12.01
N ARG A 328 10.40 18.58 12.52
CA ARG A 328 10.89 18.89 13.85
C ARG A 328 10.25 18.00 14.89
N ASP A 329 8.93 17.80 14.78
CA ASP A 329 8.22 16.92 15.70
C ASP A 329 8.75 15.50 15.63
N PHE A 330 8.95 14.99 14.41
CA PHE A 330 9.38 13.61 14.23
C PHE A 330 10.78 13.41 14.80
N ILE A 331 11.70 14.32 14.49
CA ILE A 331 13.06 14.22 15.02
C ILE A 331 13.04 14.31 16.53
N GLY A 332 12.20 15.20 17.08
CA GLY A 332 12.14 15.34 18.53
C GLY A 332 11.69 14.07 19.23
N ARG A 333 10.77 13.34 18.63
CA ARG A 333 10.36 12.07 19.20
C ARG A 333 11.46 11.03 19.07
N LEU A 334 12.18 11.03 17.95
CA LEU A 334 13.33 10.13 17.81
C LEU A 334 14.40 10.45 18.86
N LYS A 335 14.63 11.73 19.16
CA LYS A 335 15.59 12.07 20.20
C LYS A 335 15.16 11.50 21.54
N LYS A 336 13.87 11.60 21.86
CA LYS A 336 13.38 11.07 23.12
C LYS A 336 13.62 9.57 23.23
N ILE A 337 13.36 8.84 22.14
CA ILE A 337 13.64 7.40 22.16
C ILE A 337 15.12 7.14 22.38
N HIS A 338 15.96 7.84 21.60
CA HIS A 338 17.41 7.70 21.71
C HIS A 338 17.90 7.95 23.13
N GLU A 339 17.40 9.00 23.76
CA GLU A 339 17.83 9.34 25.12
C GLU A 339 17.21 8.44 26.18
N SER A 340 16.18 7.67 25.84
CA SER A 340 15.43 6.95 26.87
C SER A 340 16.07 5.62 27.26
N VAL A 341 16.96 5.07 26.44
CA VAL A 341 17.59 3.78 26.74
C VAL A 341 19.09 3.85 26.50
N ASP A 342 19.82 2.96 27.17
CA ASP A 342 21.27 2.90 27.08
C ASP A 342 21.76 1.95 25.98
N PHE A 343 20.86 1.24 25.32
CA PHE A 343 21.20 0.40 24.18
C PHE A 343 20.76 1.08 22.90
N GLN A 344 21.04 0.44 21.77
CA GLN A 344 20.69 1.00 20.47
C GLN A 344 19.34 0.45 20.05
N PRO A 345 18.28 1.25 20.06
CA PRO A 345 16.96 0.73 19.70
C PRO A 345 16.80 0.59 18.19
N VAL A 346 15.97 -0.37 17.81
CA VAL A 346 15.56 -0.53 16.41
C VAL A 346 14.13 -0.04 16.29
N VAL A 347 13.95 0.95 15.43
CA VAL A 347 12.69 1.71 15.37
C VAL A 347 12.11 1.50 13.97
N PHE A 348 11.10 0.63 13.86
CA PHE A 348 10.44 0.35 12.59
C PHE A 348 9.28 1.31 12.36
N VAL A 349 9.31 1.99 11.21
CA VAL A 349 8.26 2.89 10.79
C VAL A 349 7.64 2.24 9.55
N VAL A 350 6.45 1.67 9.72
CA VAL A 350 5.83 0.81 8.70
C VAL A 350 4.41 1.29 8.47
N LEU A 351 4.07 1.59 7.21
CA LEU A 351 2.73 2.03 6.85
C LEU A 351 2.59 1.90 5.35
N ASP A 352 1.37 2.14 4.86
CA ASP A 352 1.17 2.18 3.42
C ASP A 352 2.13 3.21 2.81
N GLY A 353 2.67 2.88 1.64
CA GLY A 353 3.64 3.78 1.05
C GLY A 353 3.07 4.76 0.01
N GLU A 354 1.80 4.62 -0.32
CA GLU A 354 1.23 5.44 -1.40
C GLU A 354 -0.06 6.17 -1.06
N ASN A 355 -0.63 5.98 0.12
CA ASN A 355 -1.96 6.50 0.38
C ASN A 355 -1.99 7.77 1.20
N CYS A 356 -0.94 8.10 1.94
CA CYS A 356 -1.04 9.28 2.78
C CYS A 356 -0.69 10.59 2.06
N TRP A 357 0.06 10.52 0.95
CA TRP A 357 0.69 11.72 0.41
C TRP A 357 -0.32 12.65 -0.26
N GLU A 358 -1.41 12.10 -0.81
CA GLU A 358 -2.40 12.92 -1.50
C GLU A 358 -3.07 13.93 -0.58
N TYR A 359 -2.98 13.71 0.74
CA TYR A 359 -3.55 14.61 1.73
C TYR A 359 -2.57 15.67 2.21
N TYR A 360 -1.31 15.58 1.82
CA TYR A 360 -0.30 16.57 2.16
C TYR A 360 -0.24 17.66 1.09
N GLU A 361 0.14 18.86 1.52
CA GLU A 361 0.54 19.90 0.59
C GLU A 361 1.57 19.37 -0.40
N GLU A 362 1.33 19.62 -1.69
CA GLU A 362 2.28 19.29 -2.74
C GLU A 362 2.68 17.81 -2.69
N ASN A 363 1.70 16.96 -2.39
CA ASN A 363 1.87 15.50 -2.47
C ASN A 363 2.93 14.99 -1.50
N GLY A 364 3.12 15.72 -0.40
CA GLY A 364 4.07 15.34 0.63
C GLY A 364 5.52 15.51 0.27
N ILE A 365 5.81 16.19 -0.84
CA ILE A 365 7.18 16.34 -1.32
C ILE A 365 7.94 17.29 -0.42
N PRO A 366 7.40 18.46 -0.04
CA PRO A 366 8.13 19.27 0.95
C PRO A 366 8.39 18.50 2.25
N PHE A 367 7.43 17.70 2.71
CA PHE A 367 7.65 16.95 3.95
C PHE A 367 8.75 15.91 3.78
N LEU A 368 8.67 15.08 2.74
CA LEU A 368 9.63 13.99 2.63
C LEU A 368 11.02 14.51 2.30
N GLU A 369 11.13 15.53 1.43
CA GLU A 369 12.44 16.10 1.16
C GLU A 369 13.06 16.66 2.43
N LYS A 370 12.27 17.37 3.23
CA LYS A 370 12.81 17.90 4.47
C LYS A 370 13.11 16.78 5.46
N LEU A 371 12.24 15.77 5.54
CA LEU A 371 12.49 14.68 6.48
C LEU A 371 13.77 13.94 6.13
N TYR A 372 13.92 13.56 4.85
CA TYR A 372 15.08 12.77 4.45
C TYR A 372 16.35 13.60 4.53
N SER A 373 16.27 14.88 4.16
CA SER A 373 17.43 15.75 4.30
C SER A 373 17.84 15.88 5.77
N THR A 374 16.86 16.03 6.66
CA THR A 374 17.19 16.19 8.07
C THR A 374 17.73 14.89 8.66
N LEU A 375 17.15 13.74 8.29
CA LEU A 375 17.62 12.47 8.84
C LEU A 375 19.07 12.20 8.47
N GLU A 376 19.43 12.45 7.20
CA GLU A 376 20.78 12.16 6.76
C GLU A 376 21.83 13.08 7.39
N LYS A 377 21.43 14.11 8.14
CA LYS A 377 22.33 15.05 8.78
C LYS A 377 22.35 14.89 10.29
N GLU A 378 21.74 13.81 10.81
CA GLU A 378 21.79 13.48 12.24
C GLU A 378 22.75 12.31 12.41
N GLU A 379 23.91 12.58 13.06
CA GLU A 379 24.94 11.55 13.22
C GLU A 379 24.44 10.37 14.02
N TRP A 380 23.55 10.62 14.97
CA TRP A 380 23.15 9.59 15.90
C TRP A 380 22.02 8.73 15.34
N ILE A 381 21.49 9.04 14.16
CA ILE A 381 20.52 8.19 13.49
C ILE A 381 21.22 7.43 12.39
N GLU A 382 20.99 6.12 12.34
CA GLU A 382 21.44 5.31 11.21
C GLU A 382 20.22 4.59 10.67
N THR A 383 19.82 4.94 9.45
CA THR A 383 18.75 4.20 8.78
C THR A 383 19.30 2.88 8.23
N LEU A 384 18.45 1.85 8.24
CA LEU A 384 18.89 0.51 7.91
C LEU A 384 18.02 -0.09 6.80
N THR A 385 18.65 -0.95 5.98
CA THR A 385 17.87 -1.86 5.16
C THR A 385 17.25 -2.94 6.04
N LEU A 386 16.27 -3.65 5.49
CA LEU A 386 15.71 -4.80 6.21
C LEU A 386 16.79 -5.84 6.48
N GLU A 387 17.67 -6.07 5.50
CA GLU A 387 18.79 -6.98 5.68
C GLU A 387 19.65 -6.56 6.86
N GLU A 388 19.99 -5.26 6.93
CA GLU A 388 20.82 -4.80 8.03
C GLU A 388 20.11 -4.94 9.36
N ALA A 389 18.80 -4.64 9.39
CA ALA A 389 18.05 -4.77 10.64
C ALA A 389 17.99 -6.22 11.10
N MET A 390 17.83 -7.15 10.15
CA MET A 390 17.77 -8.57 10.49
C MET A 390 19.08 -9.07 11.09
N ARG A 391 20.22 -8.56 10.61
CA ARG A 391 21.52 -9.12 10.95
C ARG A 391 22.31 -8.27 11.95
N LYS A 392 21.80 -7.10 12.33
CA LYS A 392 22.52 -6.21 13.22
C LYS A 392 22.87 -6.92 14.53
N GLU A 393 24.14 -6.85 14.92
CA GLU A 393 24.56 -7.58 16.11
C GLU A 393 24.48 -6.73 17.37
N ASP A 394 24.67 -5.42 17.26
CA ASP A 394 24.73 -4.54 18.43
C ASP A 394 23.35 -4.02 18.82
N VAL A 395 22.37 -4.92 18.89
CA VAL A 395 21.00 -4.59 19.26
C VAL A 395 20.53 -5.62 20.29
N LYS A 396 19.39 -5.32 20.91
CA LYS A 396 18.84 -6.21 21.92
C LYS A 396 17.82 -7.15 21.28
N THR A 397 17.79 -8.39 21.77
CA THR A 397 16.89 -9.41 21.25
C THR A 397 16.13 -10.06 22.38
N GLU A 398 15.05 -10.75 22.02
CA GLU A 398 14.17 -11.41 22.95
C GLU A 398 13.42 -12.53 22.23
N VAL A 399 13.15 -13.61 22.93
CA VAL A 399 12.36 -14.71 22.40
C VAL A 399 10.90 -14.52 22.79
N ILE A 400 9.99 -14.73 21.84
CA ILE A 400 8.55 -14.67 22.10
C ILE A 400 7.95 -16.03 21.75
N GLU A 401 7.06 -16.53 22.61
CA GLU A 401 6.51 -17.88 22.45
C GLU A 401 5.14 -17.88 21.75
N SER A 402 4.36 -16.82 21.89
CA SER A 402 2.99 -16.85 21.40
C SER A 402 2.52 -15.43 21.16
N VAL A 403 1.72 -15.23 20.11
CA VAL A 403 1.07 -13.95 19.84
C VAL A 403 -0.44 -14.13 19.92
N LYS A 404 -1.13 -13.06 20.31
CA LYS A 404 -2.58 -12.99 20.15
C LYS A 404 -2.89 -12.50 18.74
N ALA A 405 -3.63 -13.30 17.98
CA ALA A 405 -3.84 -13.02 16.56
C ALA A 405 -4.54 -11.69 16.35
N GLY A 406 -4.15 -10.99 15.29
CA GLY A 406 -4.82 -9.74 14.98
C GLY A 406 -4.18 -9.07 13.79
N THR A 407 -4.50 -7.78 13.66
CA THR A 407 -4.04 -6.91 12.56
C THR A 407 -3.66 -5.58 13.17
N TRP A 408 -3.15 -4.67 12.33
CA TRP A 408 -2.88 -3.32 12.83
C TRP A 408 -4.14 -2.46 12.98
N PHE A 409 -5.34 -2.97 12.66
CA PHE A 409 -6.55 -2.31 13.13
C PHE A 409 -6.81 -2.79 14.55
N ASP A 410 -6.26 -2.06 15.52
CA ASP A 410 -6.56 -2.28 16.95
C ASP A 410 -6.33 -3.72 17.39
N GLY A 411 -5.40 -4.44 16.75
CA GLY A 411 -5.11 -5.80 17.15
C GLY A 411 -6.19 -6.82 16.88
N ASN A 412 -7.14 -6.54 15.96
CA ASN A 412 -8.25 -7.45 15.75
C ASN A 412 -8.64 -7.46 14.27
N PHE A 413 -9.66 -8.28 13.94
CA PHE A 413 -10.04 -8.53 12.56
C PHE A 413 -11.34 -7.87 12.16
N LEU A 414 -11.85 -6.93 12.96
CA LEU A 414 -13.21 -6.44 12.76
C LEU A 414 -13.37 -5.58 11.51
N LYS A 415 -12.28 -5.14 10.87
CA LYS A 415 -12.47 -4.41 9.61
C LYS A 415 -12.77 -5.33 8.43
N TRP A 416 -12.70 -6.65 8.60
CA TRP A 416 -12.85 -7.59 7.50
C TRP A 416 -13.86 -8.69 7.78
N ILE A 417 -14.38 -8.79 9.01
CA ILE A 417 -15.30 -9.87 9.36
C ILE A 417 -16.04 -9.41 10.60
N GLY A 418 -17.23 -9.97 10.82
CA GLY A 418 -17.93 -9.77 12.07
C GLY A 418 -19.16 -8.90 12.02
N ASN A 419 -19.46 -8.26 10.89
CA ASN A 419 -20.81 -7.71 10.74
C ASN A 419 -21.50 -8.44 9.60
N LYS A 420 -22.78 -8.11 9.44
CA LYS A 420 -23.65 -8.86 8.54
C LYS A 420 -23.12 -8.83 7.12
N GLU A 421 -22.74 -7.64 6.64
CA GLU A 421 -22.33 -7.49 5.25
C GLU A 421 -20.98 -8.14 5.00
N LYS A 422 -20.00 -7.90 5.88
CA LYS A 422 -18.70 -8.54 5.72
C LYS A 422 -18.81 -10.04 5.84
N ASN A 423 -19.65 -10.53 6.75
CA ASN A 423 -19.85 -11.97 6.86
C ASN A 423 -20.48 -12.55 5.60
N GLU A 424 -21.33 -11.79 4.91
CA GLU A 424 -21.93 -12.29 3.68
C GLU A 424 -20.87 -12.56 2.63
N TYR A 425 -19.85 -11.70 2.55
CA TYR A 425 -18.74 -11.94 1.64
C TYR A 425 -18.03 -13.25 1.98
N TRP A 426 -17.75 -13.49 3.27
CA TRP A 426 -17.12 -14.75 3.64
C TRP A 426 -18.02 -15.94 3.30
N LYS A 427 -19.33 -15.81 3.52
CA LYS A 427 -20.25 -16.87 3.12
C LYS A 427 -20.17 -17.12 1.61
N ILE A 428 -20.16 -16.06 0.82
CA ILE A 428 -20.02 -16.22 -0.62
C ILE A 428 -18.71 -16.92 -0.97
N LEU A 429 -17.61 -16.51 -0.32
CA LEU A 429 -16.31 -17.13 -0.59
C LEU A 429 -16.29 -18.59 -0.18
N ILE A 430 -16.87 -18.91 0.97
CA ILE A 430 -16.89 -20.28 1.46
C ILE A 430 -17.62 -21.19 0.49
N GLU A 431 -18.80 -20.77 0.02
CA GLU A 431 -19.56 -21.59 -0.92
C GLU A 431 -18.80 -21.72 -2.25
N ALA A 432 -18.20 -20.63 -2.72
CA ALA A 432 -17.45 -20.67 -3.97
C ALA A 432 -16.25 -21.60 -3.86
N LYS A 433 -15.58 -21.59 -2.71
CA LYS A 433 -14.40 -22.43 -2.51
C LYS A 433 -14.75 -23.91 -2.67
N LYS A 434 -15.92 -24.33 -2.18
CA LYS A 434 -16.32 -25.72 -2.35
C LYS A 434 -16.40 -26.12 -3.82
N LYS A 435 -16.65 -25.15 -4.70
CA LYS A 435 -16.85 -25.38 -6.13
C LYS A 435 -15.71 -24.84 -6.98
N ALA A 436 -14.62 -24.39 -6.38
CA ALA A 436 -13.60 -23.66 -7.11
C ALA A 436 -12.80 -24.59 -8.02
N LYS A 437 -12.45 -24.08 -9.19
CA LYS A 437 -11.69 -24.86 -10.17
C LYS A 437 -10.42 -24.16 -10.65
N ASN A 438 -10.14 -22.94 -10.19
CA ASN A 438 -8.93 -22.25 -10.64
C ASN A 438 -8.51 -21.21 -9.61
N ASP A 439 -7.39 -20.56 -9.88
CA ASP A 439 -6.77 -19.65 -8.93
C ASP A 439 -7.49 -18.31 -8.82
N TYR A 440 -8.58 -18.08 -9.55
CA TYR A 440 -9.33 -16.86 -9.27
C TYR A 440 -9.92 -16.86 -7.86
N ILE A 441 -10.05 -18.05 -7.23
CA ILE A 441 -10.50 -18.07 -5.85
C ILE A 441 -9.46 -17.41 -4.95
N LEU A 442 -8.17 -17.47 -5.34
CA LEU A 442 -7.15 -16.77 -4.58
C LEU A 442 -7.32 -15.25 -4.69
N VAL A 443 -7.69 -14.76 -5.87
CA VAL A 443 -7.92 -13.32 -6.06
C VAL A 443 -9.01 -12.84 -5.11
N ALA A 444 -10.10 -13.61 -5.00
CA ALA A 444 -11.24 -13.26 -4.17
C ALA A 444 -10.94 -13.33 -2.69
N GLU A 445 -9.82 -13.97 -2.30
CA GLU A 445 -9.40 -14.01 -0.91
C GLU A 445 -8.63 -12.77 -0.48
N GLY A 446 -8.40 -11.82 -1.41
CA GLY A 446 -7.74 -10.59 -1.03
C GLY A 446 -8.51 -9.85 0.06
N SER A 447 -7.76 -9.21 0.97
CA SER A 447 -8.40 -8.54 2.09
C SER A 447 -9.23 -7.33 1.64
N ASP A 448 -8.87 -6.73 0.50
CA ASP A 448 -9.51 -5.48 0.08
C ASP A 448 -11.02 -5.63 -0.07
N TRP A 449 -11.49 -6.74 -0.62
CA TRP A 449 -12.91 -6.88 -0.91
C TRP A 449 -13.72 -6.79 0.39
N PHE A 450 -13.20 -7.39 1.45
CA PHE A 450 -13.89 -7.40 2.73
C PHE A 450 -13.78 -6.07 3.45
N TRP A 451 -12.69 -5.35 3.20
CA TRP A 451 -12.48 -4.03 3.81
C TRP A 451 -13.60 -3.07 3.42
N TRP A 452 -13.94 -3.05 2.12
CA TRP A 452 -14.91 -2.09 1.61
C TRP A 452 -16.34 -2.51 1.83
N GLN A 453 -16.59 -3.80 2.05
CA GLN A 453 -17.93 -4.30 2.26
C GLN A 453 -18.42 -3.89 3.65
N GLY A 454 -19.70 -3.55 3.74
CA GLY A 454 -20.29 -3.25 5.03
C GLY A 454 -19.80 -1.96 5.66
N GLU A 455 -19.59 -0.93 4.84
CA GLU A 455 -19.14 0.38 5.29
C GLU A 455 -20.11 1.43 4.76
N GLU A 456 -20.17 2.58 5.44
CA GLU A 456 -21.08 3.64 5.04
C GLU A 456 -20.82 4.04 3.59
N LYS A 457 -21.92 4.12 2.81
CA LYS A 457 -21.88 4.27 1.36
C LYS A 457 -20.82 5.25 0.90
N ALA A 458 -20.16 4.91 -0.20
CA ALA A 458 -19.12 5.76 -0.79
C ALA A 458 -19.12 5.51 -2.29
N PRO A 459 -18.63 6.48 -3.09
CA PRO A 459 -18.48 6.22 -4.52
C PRO A 459 -17.52 5.07 -4.78
N PHE A 460 -17.82 4.30 -5.82
CA PHE A 460 -17.04 3.18 -6.37
C PHE A 460 -17.07 1.89 -5.54
N VAL A 461 -17.70 1.86 -4.36
CA VAL A 461 -17.81 0.58 -3.64
C VAL A 461 -18.50 -0.45 -4.52
N GLU A 462 -19.46 -0.02 -5.34
CA GLU A 462 -20.10 -0.94 -6.26
C GLU A 462 -19.10 -1.57 -7.21
N VAL A 463 -17.99 -0.88 -7.51
CA VAL A 463 -17.01 -1.46 -8.41
C VAL A 463 -16.21 -2.55 -7.71
N PHE A 464 -15.82 -2.33 -6.45
CA PHE A 464 -15.13 -3.38 -5.71
C PHE A 464 -16.03 -4.60 -5.58
N ASP A 465 -17.33 -4.38 -5.39
CA ASP A 465 -18.25 -5.51 -5.26
C ASP A 465 -18.41 -6.25 -6.59
N LYS A 466 -18.50 -5.51 -7.70
CA LYS A 466 -18.54 -6.14 -9.01
C LYS A 466 -17.30 -6.99 -9.25
N LEU A 467 -16.12 -6.46 -8.90
CA LEU A 467 -14.89 -7.23 -9.08
C LEU A 467 -14.89 -8.49 -8.23
N PHE A 468 -15.16 -8.36 -6.93
CA PHE A 468 -15.17 -9.51 -6.04
C PHE A 468 -16.09 -10.60 -6.56
N ARG A 469 -17.30 -10.21 -6.95
CA ARG A 469 -18.27 -11.21 -7.38
C ARG A 469 -17.88 -11.80 -8.73
N SER A 470 -17.22 -11.01 -9.58
CA SER A 470 -16.75 -11.54 -10.86
C SER A 470 -15.64 -12.55 -10.66
N PHE A 471 -14.72 -12.30 -9.73
CA PHE A 471 -13.66 -13.27 -9.46
C PHE A 471 -14.23 -14.54 -8.85
N VAL A 472 -15.20 -14.39 -7.95
CA VAL A 472 -15.86 -15.56 -7.37
C VAL A 472 -16.55 -16.40 -8.45
N ARG A 473 -17.23 -15.75 -9.39
CA ARG A 473 -17.87 -16.50 -10.46
C ARG A 473 -16.84 -17.18 -11.35
N ARG A 474 -15.82 -16.43 -11.75
CA ARG A 474 -14.80 -16.97 -12.64
C ARG A 474 -14.05 -18.13 -12.00
N ALA A 475 -13.91 -18.10 -10.67
CA ALA A 475 -13.22 -19.17 -9.95
C ALA A 475 -13.93 -20.51 -10.08
N GLN A 476 -15.22 -20.50 -10.40
CA GLN A 476 -16.02 -21.72 -10.43
C GLN A 476 -16.20 -22.26 -11.85
N GLU A 477 -15.58 -21.62 -12.83
CA GLU A 477 -15.80 -21.98 -14.23
C GLU A 477 -14.55 -22.55 -14.86
C1 GLC B . -4.58 -1.53 4.04
C2 GLC B . -3.51 -1.99 3.07
C3 GLC B . -3.53 -1.19 1.77
C4 GLC B . -4.93 -1.22 1.17
C5 GLC B . -6.03 -0.96 2.21
C6 GLC B . -7.42 -1.33 1.77
O1 GLC B . -4.26 -0.22 4.29
O2 GLC B . -2.29 -1.90 3.71
O3 GLC B . -2.55 -1.64 0.87
O4 GLC B . -5.00 -0.21 0.21
O5 GLC B . -5.82 -1.67 3.41
O6 GLC B . -7.58 -2.68 1.49
C1 GLC B . -4.82 -0.59 -1.15
C2 GLC B . -4.19 0.58 -1.90
C3 GLC B . -5.14 1.77 -1.97
C4 GLC B . -6.47 1.33 -2.58
C5 GLC B . -7.01 0.11 -1.82
C6 GLC B . -8.24 -0.51 -2.51
O2 GLC B . -2.96 0.95 -1.31
O3 GLC B . -4.54 2.84 -2.68
O4 GLC B . -7.36 2.44 -2.43
O5 GLC B . -6.06 -0.94 -1.74
O6 GLC B . -8.72 -1.62 -1.77
C1 GLC B . -7.99 2.88 -3.64
C2 GLC B . -7.62 4.35 -3.87
C3 GLC B . -8.16 5.19 -2.72
C4 GLC B . -9.68 5.01 -2.63
C5 GLC B . -10.04 3.53 -2.53
C6 GLC B . -11.54 3.27 -2.67
O2 GLC B . -6.22 4.49 -3.95
O3 GLC B . -7.81 6.55 -2.88
O4 GLC B . -10.15 5.74 -1.51
O5 GLC B . -9.40 2.74 -3.53
O6 GLC B . -12.01 3.76 -3.90
C1 GLC B . -11.19 6.64 -1.95
C2 GLC B . -10.78 8.07 -1.65
C3 GLC B . -10.50 8.23 -0.17
C4 GLC B . -11.73 7.79 0.63
C5 GLC B . -12.23 6.42 0.17
C6 GLC B . -13.57 6.09 0.81
O2 GLC B . -9.64 8.44 -2.40
O3 GLC B . -10.15 9.57 0.07
O4 GLC B . -11.41 7.78 2.00
O5 GLC B . -12.38 6.35 -1.24
O6 GLC B . -14.59 6.19 -0.15
C1 GLC C . -3.12 1.50 8.99
C2 GLC C . -1.82 2.00 8.43
C3 GLC C . -2.14 3.30 7.72
C4 GLC C . -3.21 3.17 6.67
C5 GLC C . -4.37 2.39 7.23
C6 GLC C . -5.23 1.98 6.06
O2 GLC C . -1.01 2.25 9.53
O3 GLC C . -0.98 3.81 7.13
O4 GLC C . -3.63 4.47 6.35
O5 GLC C . -3.89 1.24 7.87
O6 GLC C . -6.18 1.12 6.59
C1 GLC C . -3.80 4.80 4.99
C2 GLC C . -2.98 6.04 4.73
C3 GLC C . -3.58 7.21 5.51
C4 GLC C . -5.05 7.46 5.19
C5 GLC C . -5.76 6.15 5.36
C6 GLC C . -7.20 6.34 4.91
O2 GLC C . -1.66 5.84 5.17
O3 GLC C . -2.85 8.35 5.18
O4 GLC C . -5.58 8.42 6.12
O5 GLC C . -5.15 5.11 4.64
O6 GLC C . -7.88 5.14 5.15
C1 GLC C . -6.16 9.65 5.64
C2 GLC C . -5.78 10.80 6.55
C3 GLC C . -6.37 10.57 7.92
C4 GLC C . -7.85 10.22 7.86
C5 GLC C . -8.10 9.15 6.80
C6 GLC C . -9.55 8.87 6.44
O2 GLC C . -4.37 10.96 6.64
O3 GLC C . -6.07 11.65 8.77
O4 GLC C . -8.16 9.68 9.11
O5 GLC C . -7.53 9.55 5.59
O6 GLC C . -10.01 10.14 6.00
C1 GLC C . -9.31 10.19 9.74
C2 GLC C . -8.95 10.54 11.18
C3 GLC C . -8.50 9.29 11.89
C4 GLC C . -9.47 8.15 11.76
C5 GLC C . -9.86 7.98 10.31
C6 GLC C . -11.01 7.04 10.05
O2 GLC C . -7.88 11.46 11.30
O3 GLC C . -8.21 9.57 13.24
O4 GLC C . -8.75 7.02 12.24
O5 GLC C . -10.27 9.19 9.78
O6 GLC C . -12.09 7.49 10.88
C1 GLC C . -9.49 6.20 13.12
C2 GLC C . -8.63 5.95 14.29
C3 GLC C . -7.40 5.24 13.80
C4 GLC C . -7.76 3.92 13.15
C5 GLC C . -8.74 4.21 12.04
C6 GLC C . -9.37 2.95 11.47
O2 GLC C . -8.17 7.18 14.77
O3 GLC C . -6.53 5.02 14.86
O4 GLC C . -6.55 3.39 12.59
O5 GLC C . -9.81 4.98 12.55
O6 GLC C . -9.62 3.13 10.08
C1 GLC C . -6.20 2.13 13.08
C2 GLC C . -4.76 2.11 13.47
C3 GLC C . -3.90 2.45 12.27
C4 GLC C . -4.21 1.53 11.13
C5 GLC C . -5.68 1.32 10.91
C6 GLC C . -5.84 -0.02 10.18
O2 GLC C . -4.60 3.06 14.48
O3 GLC C . -2.52 2.29 12.49
O4 GLC C . -3.70 2.25 10.09
O5 GLC C . -6.35 1.13 12.11
O6 GLC C . -7.11 0.01 9.66
CAC FLC D . 19.79 13.40 21.17
CA FLC D . 20.95 13.62 20.24
CB FLC D . 22.26 13.62 21.03
CBC FLC D . 23.37 13.38 20.05
CG FLC D . 22.46 14.96 21.72
CGC FLC D . 23.82 15.10 22.36
OA1 FLC D . 19.27 14.42 21.67
OA2 FLC D . 19.41 12.24 21.42
OB1 FLC D . 23.94 12.27 20.05
OB2 FLC D . 23.68 14.33 19.29
OG1 FLC D . 24.20 16.26 22.68
OG2 FLC D . 24.53 14.10 22.58
OHB FLC D . 22.24 12.55 21.97
CAC FLC E . -14.36 -25.13 16.89
CA FLC E . -14.84 -26.30 16.05
CB FLC E . -15.15 -25.86 14.62
CBC FLC E . -13.84 -25.63 13.90
CG FLC E . -15.96 -26.95 13.91
CGC FLC E . -16.40 -26.60 12.51
OA1 FLC E . -13.42 -24.44 16.47
OA2 FLC E . -14.92 -24.91 17.98
OB1 FLC E . -13.61 -24.50 13.42
OB2 FLC E . -13.04 -26.59 13.80
OG1 FLC E . -15.63 -25.97 11.75
OG2 FLC E . -17.54 -26.97 12.16
OHB FLC E . -15.92 -24.65 14.63
C1 GOL F . -5.35 -13.33 -12.15
O1 GOL F . -5.79 -12.55 -13.22
C2 GOL F . -5.11 -14.75 -12.70
O2 GOL F . -3.77 -14.97 -12.98
C3 GOL F . -5.65 -15.68 -11.60
O3 GOL F . -5.17 -16.96 -11.89
C1 GOL G . 5.82 11.24 -2.06
O1 GOL G . 5.97 12.61 -1.95
C2 GOL G . 5.17 10.93 -3.42
O2 GOL G . 4.92 9.55 -3.49
C3 GOL G . 6.22 11.48 -4.48
O3 GOL G . 5.57 11.77 -5.71
#